data_3G9V
#
_entry.id   3G9V
#
_cell.length_a   67.948
_cell.length_b   67.948
_cell.length_c   172.533
_cell.angle_alpha   90.00
_cell.angle_beta   90.00
_cell.angle_gamma   90.00
#
_symmetry.space_group_name_H-M   'P 41'
#
loop_
_entity.id
_entity.type
_entity.pdbx_description
1 polymer 'Interleukin 22 receptor, alpha 2'
2 polymer Interleukin-22
3 water water
#
loop_
_entity_poly.entity_id
_entity_poly.type
_entity_poly.pdbx_seq_one_letter_code
_entity_poly.pdbx_strand_id
1 'polypeptide(L)'
;GTQSTHESLKPQRVQFQSRNFHNILQWQPGRALTGNSSVYFVQYKIYGQRQWKNKEDCWGTQELSCDLTSETSDIQEPYY
GRVRAASAGSYSEWSMTPRFTPWWETKIDPPVMNITQVNGSLLVILHAPNLPYRYQKEKNVSIEDYYELLYRVFIINNSL
EKEQKVYEGAHRAVEIEALTPHSSYCVVAEIYQPMLDRRSQRSEERCVEIP
;
A,C
2 'polypeptide(L)'
;QGGAAAPISSHCRLDKSNFQQPYITNRTFMLAKEASLADNNTDVRLIGEKLFHGVSMSERCYLMKQVLNFTLEEVLFPQS
DRFQPYMQEVVPFLARLSNRLSTCHIEGDDLHIQRNVQKLKDTVKKLGESGEIKAIGELDLLFMSLRNACI
;
B,D
#
# COMPACT_ATOMS: atom_id res chain seq x y z
N LEU A 9 -4.40 24.93 -24.83
CA LEU A 9 -4.14 25.37 -23.48
C LEU A 9 -4.44 24.21 -22.53
N LYS A 10 -4.97 23.16 -23.14
CA LYS A 10 -5.28 21.91 -22.47
C LYS A 10 -3.96 21.29 -22.04
N PRO A 11 -3.96 20.58 -20.90
CA PRO A 11 -2.76 19.81 -20.57
C PRO A 11 -2.44 18.86 -21.71
N GLN A 12 -1.15 18.67 -21.97
CA GLN A 12 -0.72 18.03 -23.19
C GLN A 12 -0.25 16.64 -22.84
N ARG A 13 -0.26 15.72 -23.80
CA ARG A 13 0.35 14.42 -23.60
C ARG A 13 -0.05 13.83 -22.25
N VAL A 14 -1.32 13.97 -21.90
CA VAL A 14 -1.79 13.48 -20.61
C VAL A 14 -1.85 11.95 -20.62
N GLN A 15 -0.99 11.36 -19.81
CA GLN A 15 -0.89 9.92 -19.83
C GLN A 15 -0.48 9.37 -18.49
N PHE A 16 -0.61 8.07 -18.36
CA PHE A 16 -0.14 7.41 -17.17
C PHE A 16 1.25 6.91 -17.44
N GLN A 17 2.19 7.32 -16.60
CA GLN A 17 3.44 6.60 -16.52
C GLN A 17 3.13 5.47 -15.56
N SER A 18 3.31 4.24 -16.01
CA SER A 18 3.01 3.12 -15.13
C SER A 18 4.18 2.17 -15.02
N ARG A 19 4.92 2.28 -13.92
CA ARG A 19 6.03 1.39 -13.67
C ARG A 19 5.75 0.69 -12.36
N ASN A 20 5.84 -0.63 -12.37
CA ASN A 20 5.68 -1.40 -11.14
C ASN A 20 4.38 -1.02 -10.47
N PHE A 21 3.34 -0.84 -11.30
CA PHE A 21 2.01 -0.53 -10.83
C PHE A 21 1.96 0.73 -9.98
N HIS A 22 3.01 1.52 -10.07
CA HIS A 22 2.91 2.90 -9.68
C HIS A 22 2.41 3.67 -10.87
N ASN A 23 1.21 4.20 -10.72
CA ASN A 23 0.54 4.87 -11.81
C ASN A 23 0.59 6.37 -11.59
N ILE A 24 1.59 7.01 -12.16
CA ILE A 24 1.72 8.44 -12.08
C ILE A 24 0.98 9.03 -13.26
N LEU A 25 0.00 9.86 -12.98
CA LEU A 25 -0.64 10.56 -14.05
C LEU A 25 0.31 11.67 -14.42
N GLN A 26 0.69 11.74 -15.69
CA GLN A 26 1.52 12.86 -16.06
C GLN A 26 1.01 13.55 -17.31
N TRP A 27 1.50 14.76 -17.54
CA TRP A 27 1.03 15.56 -18.64
C TRP A 27 1.98 16.73 -18.87
N GLN A 28 1.87 17.34 -20.05
CA GLN A 28 2.64 18.52 -20.35
C GLN A 28 1.70 19.71 -20.29
N PRO A 29 2.26 20.93 -20.20
CA PRO A 29 1.48 22.16 -20.04
C PRO A 29 0.59 22.53 -21.23
N GLY A 30 1.15 22.52 -22.44
CA GLY A 30 0.43 23.03 -23.60
C GLY A 30 0.39 24.54 -23.59
N ARG A 31 0.04 25.13 -24.74
CA ARG A 31 0.04 26.59 -24.95
C ARG A 31 -0.25 27.47 -23.73
N ALA A 32 0.48 28.57 -23.63
CA ALA A 32 0.35 29.51 -22.51
C ALA A 32 -1.03 30.15 -22.47
N ASN A 36 1.82 34.49 -16.72
CA ASN A 36 0.76 33.50 -16.69
C ASN A 36 1.31 32.11 -16.44
N SER A 37 1.37 31.71 -15.18
CA SER A 37 1.87 30.38 -14.85
C SER A 37 0.73 29.47 -14.45
N SER A 38 0.78 28.22 -14.91
CA SER A 38 -0.36 27.35 -14.78
C SER A 38 -0.37 26.42 -13.57
N VAL A 39 -1.56 25.92 -13.28
CA VAL A 39 -1.76 24.94 -12.24
C VAL A 39 -2.73 23.91 -12.76
N TYR A 40 -2.73 22.76 -12.10
CA TYR A 40 -3.44 21.63 -12.64
C TYR A 40 -4.33 20.96 -11.63
N PHE A 41 -5.43 20.47 -12.13
CA PHE A 41 -6.37 19.76 -11.32
C PHE A 41 -6.46 18.40 -11.92
N VAL A 42 -6.16 17.41 -11.12
CA VAL A 42 -6.19 16.07 -11.61
C VAL A 42 -7.43 15.40 -11.10
N GLN A 43 -8.11 14.70 -12.01
CA GLN A 43 -9.28 13.92 -11.69
C GLN A 43 -9.07 12.52 -12.22
N TYR A 44 -9.71 11.56 -11.58
CA TYR A 44 -9.57 10.18 -12.01
C TYR A 44 -10.90 9.50 -11.83
N LYS A 45 -11.02 8.31 -12.37
CA LYS A 45 -12.23 7.56 -12.24
C LYS A 45 -11.97 6.18 -12.74
N ILE A 46 -12.84 5.27 -12.37
CA ILE A 46 -12.81 3.97 -12.96
C ILE A 46 -13.75 4.08 -14.13
N TYR A 47 -13.29 3.60 -15.27
CA TYR A 47 -14.16 3.50 -16.41
C TYR A 47 -15.51 3.04 -15.90
N GLY A 48 -16.56 3.74 -16.31
CA GLY A 48 -17.92 3.33 -16.00
C GLY A 48 -18.50 4.11 -14.84
N GLN A 49 -17.63 4.77 -14.10
CA GLN A 49 -18.08 5.66 -13.04
C GLN A 49 -18.61 6.91 -13.70
N ARG A 50 -19.72 7.43 -13.20
CA ARG A 50 -20.32 8.61 -13.80
C ARG A 50 -19.57 9.84 -13.31
N GLN A 51 -19.16 9.78 -12.04
CA GLN A 51 -18.46 10.89 -11.42
C GLN A 51 -16.95 10.75 -11.50
N TRP A 52 -16.28 11.89 -11.52
CA TRP A 52 -14.83 11.93 -11.48
C TRP A 52 -14.37 12.27 -10.08
N LYS A 53 -13.40 11.51 -9.61
CA LYS A 53 -12.82 11.75 -8.31
C LYS A 53 -11.75 12.82 -8.47
N ASN A 54 -11.79 13.81 -7.61
CA ASN A 54 -10.76 14.82 -7.62
C ASN A 54 -9.53 14.26 -6.93
N LYS A 55 -8.38 14.41 -7.57
CA LYS A 55 -7.15 14.08 -6.87
C LYS A 55 -6.69 15.29 -6.07
N GLU A 56 -7.01 15.29 -4.79
CA GLU A 56 -6.75 16.45 -3.95
C GLU A 56 -5.26 16.75 -3.75
N ASP A 57 -4.43 15.73 -3.83
CA ASP A 57 -2.99 15.92 -3.76
C ASP A 57 -2.49 16.63 -5.00
N CYS A 58 -3.14 16.40 -6.13
CA CYS A 58 -2.82 17.12 -7.36
C CYS A 58 -4.03 17.95 -7.78
N TRP A 59 -4.30 19.02 -7.06
CA TRP A 59 -5.47 19.83 -7.36
C TRP A 59 -5.11 21.29 -7.19
N GLY A 60 -4.72 21.94 -8.28
CA GLY A 60 -4.17 23.29 -8.21
C GLY A 60 -2.67 23.15 -8.10
N THR A 61 -2.17 22.02 -8.58
CA THR A 61 -0.76 21.72 -8.51
C THR A 61 -0.05 22.43 -9.63
N GLN A 62 1.18 22.84 -9.40
CA GLN A 62 1.99 23.32 -10.49
C GLN A 62 2.78 22.18 -11.11
N GLU A 63 2.53 20.96 -10.64
CA GLU A 63 3.28 19.79 -11.11
C GLU A 63 2.73 19.23 -12.41
N LEU A 64 3.59 18.54 -13.15
CA LEU A 64 3.22 18.00 -14.44
C LEU A 64 2.94 16.51 -14.34
N SER A 65 2.75 16.05 -13.11
CA SER A 65 2.44 14.66 -12.85
C SER A 65 1.69 14.57 -11.54
N CYS A 66 1.08 13.42 -11.33
CA CYS A 66 0.23 13.20 -10.18
C CYS A 66 0.25 11.72 -9.87
N ASP A 67 0.71 11.35 -8.69
CA ASP A 67 0.70 9.96 -8.33
C ASP A 67 -0.70 9.48 -8.05
N LEU A 68 -1.22 8.64 -8.93
CA LEU A 68 -2.55 8.09 -8.78
C LEU A 68 -2.45 6.64 -8.36
N THR A 69 -1.29 6.25 -7.86
CA THR A 69 -1.07 4.85 -7.57
C THR A 69 -2.13 4.28 -6.65
N SER A 70 -2.40 4.96 -5.54
CA SER A 70 -3.35 4.44 -4.56
C SER A 70 -4.72 4.37 -5.18
N GLU A 71 -4.97 5.27 -6.13
CA GLU A 71 -6.30 5.44 -6.69
C GLU A 71 -6.58 4.42 -7.76
N THR A 72 -5.51 3.84 -8.28
CA THR A 72 -5.60 2.94 -9.40
C THR A 72 -4.99 1.63 -9.03
N SER A 73 -5.31 1.13 -7.84
CA SER A 73 -4.62 -0.06 -7.33
C SER A 73 -5.43 -1.35 -7.47
N ASP A 74 -6.62 -1.23 -8.00
CA ASP A 74 -7.29 -2.40 -8.54
C ASP A 74 -6.71 -2.49 -9.94
N ILE A 75 -5.75 -3.39 -10.11
CA ILE A 75 -4.87 -3.33 -11.26
C ILE A 75 -5.51 -3.75 -12.57
N GLN A 76 -6.57 -4.53 -12.48
CA GLN A 76 -7.28 -4.96 -13.68
C GLN A 76 -8.42 -4.00 -14.00
N GLU A 77 -8.52 -2.94 -13.21
CA GLU A 77 -9.56 -1.95 -13.42
C GLU A 77 -9.13 -0.99 -14.50
N PRO A 78 -10.08 -0.62 -15.38
CA PRO A 78 -9.95 0.41 -16.39
C PRO A 78 -10.05 1.74 -15.68
N TYR A 79 -9.05 2.58 -15.84
CA TYR A 79 -9.04 3.84 -15.14
C TYR A 79 -8.90 4.96 -16.13
N TYR A 80 -9.40 6.11 -15.74
CA TYR A 80 -9.13 7.31 -16.46
C TYR A 80 -8.53 8.31 -15.51
N GLY A 81 -7.61 9.11 -16.01
CA GLY A 81 -7.18 10.30 -15.31
C GLY A 81 -7.36 11.43 -16.28
N ARG A 82 -7.69 12.59 -15.77
CA ARG A 82 -7.73 13.75 -16.62
C ARG A 82 -7.18 14.93 -15.85
N VAL A 83 -6.62 15.88 -16.58
CA VAL A 83 -6.08 17.06 -15.96
C VAL A 83 -6.67 18.23 -16.69
N ARG A 84 -7.08 19.24 -15.95
CA ARG A 84 -7.33 20.52 -16.57
C ARG A 84 -6.27 21.45 -16.02
N ALA A 85 -5.83 22.39 -16.84
CA ALA A 85 -4.96 23.45 -16.36
C ALA A 85 -5.86 24.60 -16.01
N ALA A 86 -5.36 25.49 -15.17
CA ALA A 86 -5.98 26.79 -14.99
C ALA A 86 -4.87 27.81 -14.84
N SER A 87 -4.99 28.89 -15.58
CA SER A 87 -4.08 30.00 -15.42
C SER A 87 -4.94 31.22 -15.27
N ALA A 88 -4.66 32.01 -14.25
CA ALA A 88 -5.32 33.29 -14.08
C ALA A 88 -6.84 33.19 -14.28
N GLY A 89 -7.46 32.23 -13.61
CA GLY A 89 -8.92 32.16 -13.59
C GLY A 89 -9.58 31.41 -14.72
N SER A 90 -8.86 31.27 -15.83
CA SER A 90 -9.37 30.50 -16.97
C SER A 90 -8.91 29.05 -16.89
N TYR A 91 -9.84 28.14 -17.13
CA TYR A 91 -9.56 26.71 -17.01
C TYR A 91 -9.51 26.07 -18.37
N SER A 92 -8.50 25.25 -18.58
CA SER A 92 -8.42 24.47 -19.79
C SER A 92 -9.56 23.49 -19.75
N GLU A 93 -9.78 22.84 -20.87
CA GLU A 93 -10.70 21.73 -20.90
C GLU A 93 -10.01 20.54 -20.25
N TRP A 94 -10.78 19.54 -19.87
CA TRP A 94 -10.16 18.39 -19.25
C TRP A 94 -9.42 17.56 -20.29
N SER A 95 -8.14 17.31 -20.05
CA SER A 95 -7.36 16.42 -20.90
C SER A 95 -7.33 15.07 -20.27
N MET A 96 -7.96 14.10 -20.91
CA MET A 96 -8.12 12.78 -20.35
C MET A 96 -7.07 11.84 -20.89
N THR A 97 -6.75 10.85 -20.09
CA THR A 97 -5.86 9.78 -20.52
C THR A 97 -6.68 8.79 -21.32
N PRO A 98 -5.99 7.96 -22.11
CA PRO A 98 -6.64 6.75 -22.60
C PRO A 98 -7.18 5.96 -21.40
N ARG A 99 -8.02 4.97 -21.67
CA ARG A 99 -8.43 4.10 -20.59
C ARG A 99 -7.17 3.41 -20.10
N PHE A 100 -7.01 3.38 -18.79
CA PHE A 100 -5.77 2.88 -18.22
C PHE A 100 -6.01 1.66 -17.37
N THR A 101 -5.42 0.55 -17.78
CA THR A 101 -5.55 -0.66 -17.01
C THR A 101 -4.15 -1.03 -16.57
N PRO A 102 -3.81 -0.71 -15.31
CA PRO A 102 -2.48 -0.94 -14.76
C PRO A 102 -1.95 -2.31 -15.17
N TRP A 103 -2.78 -3.33 -14.96
CA TRP A 103 -2.43 -4.71 -15.22
C TRP A 103 -1.82 -4.83 -16.59
N TRP A 104 -2.45 -4.16 -17.55
CA TRP A 104 -2.01 -4.23 -18.93
C TRP A 104 -0.90 -3.23 -19.23
N GLU A 105 -1.04 -2.03 -18.70
CA GLU A 105 -0.18 -0.95 -19.14
C GLU A 105 1.14 -0.85 -18.39
N THR A 106 1.16 -1.33 -17.15
CA THR A 106 2.32 -1.07 -16.30
C THR A 106 3.54 -1.83 -16.74
N LYS A 107 4.69 -1.18 -16.60
CA LYS A 107 5.96 -1.79 -16.92
C LYS A 107 6.64 -2.22 -15.64
N ILE A 108 7.15 -3.44 -15.64
CA ILE A 108 7.85 -3.95 -14.47
C ILE A 108 9.36 -3.77 -14.60
N ASP A 109 9.96 -3.11 -13.63
CA ASP A 109 11.40 -2.96 -13.61
C ASP A 109 12.00 -4.34 -13.41
N PRO A 110 13.30 -4.47 -13.70
CA PRO A 110 13.98 -5.72 -13.32
C PRO A 110 13.78 -5.98 -11.84
N PRO A 111 13.94 -7.23 -11.44
CA PRO A 111 14.05 -7.45 -10.00
C PRO A 111 15.43 -6.97 -9.60
N VAL A 112 15.62 -6.61 -8.35
CA VAL A 112 17.00 -6.42 -7.91
C VAL A 112 17.49 -7.80 -7.50
N MET A 113 18.72 -8.09 -7.89
CA MET A 113 19.24 -9.41 -7.64
C MET A 113 20.42 -9.36 -6.69
N ASN A 114 20.31 -10.14 -5.63
CA ASN A 114 21.43 -10.35 -4.72
C ASN A 114 21.83 -11.80 -4.79
N ILE A 115 23.13 -12.04 -4.91
CA ILE A 115 23.65 -13.40 -4.90
C ILE A 115 24.62 -13.56 -3.73
N THR A 116 24.76 -14.79 -3.27
CA THR A 116 25.72 -15.11 -2.22
C THR A 116 26.24 -16.51 -2.50
N LEU A 122 25.16 -20.58 -6.35
CA LEU A 122 24.96 -19.32 -5.63
C LEU A 122 23.52 -19.18 -5.21
N LEU A 123 23.29 -18.42 -4.14
CA LEU A 123 21.95 -18.17 -3.63
C LEU A 123 21.46 -16.86 -4.17
N VAL A 124 20.63 -16.91 -5.21
CA VAL A 124 20.09 -15.70 -5.81
C VAL A 124 18.82 -15.31 -5.09
N ILE A 125 18.81 -14.07 -4.59
CA ILE A 125 17.62 -13.52 -3.96
C ILE A 125 17.10 -12.38 -4.80
N LEU A 126 15.96 -12.62 -5.41
CA LEU A 126 15.32 -11.65 -6.28
C LEU A 126 14.35 -10.78 -5.50
N HIS A 127 14.50 -9.49 -5.63
CA HIS A 127 13.52 -8.59 -5.06
C HIS A 127 12.78 -7.95 -6.21
N ALA A 128 11.49 -8.24 -6.29
CA ALA A 128 10.63 -7.55 -7.22
C ALA A 128 10.82 -6.05 -7.01
N PRO A 129 10.72 -5.28 -8.10
CA PRO A 129 10.68 -3.84 -7.90
C PRO A 129 9.64 -3.56 -6.83
N ASN A 130 9.69 -2.38 -6.22
CA ASN A 130 8.65 -2.02 -5.27
C ASN A 130 7.33 -1.93 -6.00
N LEU A 131 6.35 -2.69 -5.52
CA LEU A 131 5.05 -2.78 -6.12
C LEU A 131 4.00 -2.46 -5.08
N PRO A 132 3.04 -1.63 -5.45
CA PRO A 132 2.07 -1.10 -4.50
C PRO A 132 1.44 -2.19 -3.63
N TYR A 133 1.48 -3.42 -4.11
CA TYR A 133 0.80 -4.52 -3.42
C TYR A 133 1.65 -5.03 -2.27
N ARG A 134 2.96 -4.80 -2.37
CA ARG A 134 3.83 -4.91 -1.22
C ARG A 134 3.13 -4.35 0.00
N TYR A 135 2.31 -3.33 -0.21
CA TYR A 135 1.76 -2.60 0.92
C TYR A 135 0.41 -3.10 1.37
N GLN A 136 -0.26 -3.86 0.52
CA GLN A 136 -1.61 -4.28 0.84
C GLN A 136 -1.60 -4.94 2.20
N LYS A 137 -2.39 -4.41 3.13
CA LYS A 137 -2.39 -4.90 4.50
C LYS A 137 -2.50 -6.41 4.52
N GLU A 138 -3.57 -6.91 3.90
CA GLU A 138 -3.85 -8.33 3.92
C GLU A 138 -3.77 -8.90 2.53
N LYS A 139 -2.91 -9.90 2.36
CA LYS A 139 -2.67 -10.51 1.07
C LYS A 139 -3.07 -11.98 1.08
N ASN A 140 -3.86 -12.38 0.09
CA ASN A 140 -4.20 -13.80 -0.05
C ASN A 140 -3.19 -14.48 -0.95
N VAL A 141 -2.37 -13.68 -1.62
CA VAL A 141 -1.43 -14.18 -2.61
C VAL A 141 -0.14 -13.41 -2.46
N SER A 142 0.98 -14.02 -2.86
CA SER A 142 2.26 -13.33 -2.85
C SER A 142 2.19 -12.21 -3.86
N ILE A 143 3.15 -11.30 -3.79
CA ILE A 143 3.21 -10.19 -4.72
C ILE A 143 3.37 -10.75 -6.14
N GLU A 144 4.35 -11.62 -6.30
CA GLU A 144 4.60 -12.22 -7.60
C GLU A 144 3.32 -12.89 -8.08
N ASP A 145 2.62 -13.58 -7.19
CA ASP A 145 1.39 -14.22 -7.62
C ASP A 145 0.37 -13.18 -8.01
N TYR A 146 0.18 -12.21 -7.13
CA TYR A 146 -0.79 -11.14 -7.32
C TYR A 146 -0.60 -10.51 -8.68
N TYR A 147 0.66 -10.18 -8.95
CA TYR A 147 1.02 -9.46 -10.17
C TYR A 147 1.34 -10.44 -11.27
N GLU A 148 1.18 -11.73 -10.95
CA GLU A 148 1.42 -12.76 -11.93
C GLU A 148 2.75 -12.51 -12.58
N LEU A 149 3.75 -12.31 -11.73
CA LEU A 149 5.10 -12.10 -12.16
C LEU A 149 5.92 -13.36 -11.93
N LEU A 150 6.97 -13.50 -12.71
CA LEU A 150 7.91 -14.58 -12.50
C LEU A 150 9.24 -13.92 -12.42
N TYR A 151 10.15 -14.54 -11.72
CA TYR A 151 11.52 -14.10 -11.78
C TYR A 151 12.20 -15.03 -12.72
N ARG A 152 13.05 -14.46 -13.56
CA ARG A 152 13.90 -15.26 -14.41
C ARG A 152 15.32 -14.95 -14.07
N VAL A 153 16.08 -15.97 -13.72
CA VAL A 153 17.50 -15.78 -13.50
C VAL A 153 18.23 -16.36 -14.69
N PHE A 154 19.27 -15.67 -15.14
CA PHE A 154 20.04 -16.11 -16.27
C PHE A 154 21.50 -16.13 -15.90
N ILE A 155 22.26 -17.06 -16.41
CA ILE A 155 23.65 -16.85 -16.32
C ILE A 155 24.13 -16.63 -17.71
N ILE A 156 24.30 -15.38 -18.07
CA ILE A 156 25.28 -15.00 -19.09
C ILE A 156 26.44 -16.00 -19.14
N GLU A 163 24.25 -17.26 -20.62
CA GLU A 163 23.35 -17.03 -21.74
C GLU A 163 21.98 -17.65 -21.45
N GLN A 164 21.93 -18.60 -20.51
CA GLN A 164 20.74 -19.43 -20.33
C GLN A 164 19.86 -19.14 -19.09
N LYS A 165 18.55 -19.28 -19.28
CA LYS A 165 17.59 -19.14 -18.19
C LYS A 165 17.81 -20.27 -17.21
N VAL A 166 18.47 -19.94 -16.11
CA VAL A 166 18.74 -20.93 -15.08
C VAL A 166 17.57 -21.05 -14.10
N TYR A 167 16.71 -20.04 -14.09
CA TYR A 167 15.57 -20.02 -13.17
C TYR A 167 14.39 -19.19 -13.64
N GLU A 168 13.21 -19.72 -13.36
CA GLU A 168 11.96 -19.02 -13.61
C GLU A 168 10.95 -19.49 -12.57
N GLY A 169 10.51 -18.58 -11.73
CA GLY A 169 9.57 -18.91 -10.69
C GLY A 169 9.13 -17.66 -9.97
N ALA A 170 8.20 -17.80 -9.05
CA ALA A 170 7.70 -16.65 -8.30
C ALA A 170 8.46 -16.51 -6.99
N HIS A 171 9.45 -17.37 -6.80
CA HIS A 171 10.20 -17.45 -5.56
C HIS A 171 11.60 -16.86 -5.70
N ARG A 172 12.56 -17.36 -4.90
CA ARG A 172 13.98 -17.05 -5.08
C ARG A 172 14.90 -18.28 -4.97
N ALA A 173 15.88 -18.33 -5.86
CA ALA A 173 16.42 -19.60 -6.35
C ALA A 173 17.68 -20.14 -5.71
N VAL A 174 17.65 -21.45 -5.49
CA VAL A 174 18.75 -22.23 -4.93
C VAL A 174 20.07 -21.96 -5.65
N GLU A 175 20.12 -22.25 -6.95
CA GLU A 175 21.30 -21.94 -7.74
C GLU A 175 20.95 -21.03 -8.91
N CYS A 186 28.70 -14.81 -14.80
CA CYS A 186 27.87 -13.66 -14.42
C CYS A 186 26.38 -13.98 -14.44
N VAL A 187 25.66 -13.52 -13.43
CA VAL A 187 24.24 -13.84 -13.33
C VAL A 187 23.38 -12.60 -13.43
N VAL A 188 22.33 -12.67 -14.23
CA VAL A 188 21.40 -11.57 -14.36
C VAL A 188 19.98 -12.07 -14.11
N ALA A 189 19.10 -11.16 -13.75
CA ALA A 189 17.72 -11.53 -13.49
C ALA A 189 16.77 -10.59 -14.21
N GLU A 190 15.56 -11.07 -14.43
CA GLU A 190 14.50 -10.22 -14.95
C GLU A 190 13.18 -10.69 -14.37
N ILE A 191 12.15 -9.91 -14.57
CA ILE A 191 10.84 -10.34 -14.19
C ILE A 191 10.09 -10.62 -15.45
N TYR A 192 9.45 -11.77 -15.51
CA TYR A 192 8.65 -12.12 -16.66
C TYR A 192 7.19 -12.01 -16.28
N GLN A 193 6.38 -11.50 -17.20
CA GLN A 193 4.94 -11.45 -17.01
C GLN A 193 4.31 -12.49 -17.91
N PRO A 194 4.26 -13.73 -17.40
CA PRO A 194 3.74 -14.88 -18.15
C PRO A 194 2.46 -14.52 -18.89
N MET A 195 1.59 -13.73 -18.25
CA MET A 195 0.28 -13.45 -18.82
C MET A 195 0.39 -12.59 -20.05
N LEU A 196 1.30 -11.63 -20.01
CA LEU A 196 1.51 -10.73 -21.14
C LEU A 196 2.74 -11.09 -21.95
N ASP A 197 3.37 -12.21 -21.64
CA ASP A 197 4.67 -12.52 -22.24
C ASP A 197 5.50 -11.26 -22.30
N ARG A 198 5.70 -10.64 -21.14
CA ARG A 198 6.52 -9.46 -21.06
C ARG A 198 7.64 -9.71 -20.09
N ARG A 199 8.86 -9.50 -20.55
CA ARG A 199 9.97 -9.55 -19.63
C ARG A 199 10.53 -8.17 -19.33
N SER A 200 10.67 -7.88 -18.04
CA SER A 200 11.33 -6.67 -17.61
C SER A 200 12.71 -6.59 -18.25
N GLN A 201 13.33 -5.43 -18.17
CA GLN A 201 14.67 -5.31 -18.66
C GLN A 201 15.51 -6.09 -17.69
N ARG A 202 16.81 -6.13 -17.93
CA ARG A 202 17.65 -6.96 -17.11
C ARG A 202 17.99 -6.28 -15.80
N SER A 203 18.15 -7.10 -14.75
CA SER A 203 18.70 -6.62 -13.49
C SER A 203 20.14 -6.27 -13.76
N GLU A 204 20.82 -5.61 -12.83
CA GLU A 204 22.23 -5.35 -13.12
C GLU A 204 23.04 -6.65 -13.04
N GLU A 205 24.25 -6.59 -13.62
CA GLU A 205 25.22 -7.70 -13.68
C GLU A 205 25.38 -8.28 -15.09
N HIS B 11 -22.20 -27.66 -17.15
CA HIS B 11 -21.76 -26.74 -16.11
C HIS B 11 -21.54 -25.34 -16.68
N CYS B 12 -20.33 -24.91 -16.74
CA CYS B 12 -20.09 -23.56 -17.22
C CYS B 12 -18.71 -23.09 -16.80
N ARG B 13 -17.71 -23.60 -17.46
CA ARG B 13 -16.44 -22.95 -17.30
C ARG B 13 -15.42 -23.14 -18.37
N LEU B 14 -14.30 -22.44 -18.24
CA LEU B 14 -13.29 -22.49 -19.24
C LEU B 14 -12.07 -22.95 -18.55
N ASP B 15 -11.10 -23.38 -19.31
CA ASP B 15 -9.80 -23.74 -18.77
C ASP B 15 -9.01 -22.48 -18.51
N LYS B 16 -8.28 -22.48 -17.40
CA LYS B 16 -7.38 -21.38 -17.09
C LYS B 16 -6.47 -21.11 -18.29
N SER B 17 -6.10 -22.17 -18.98
CA SER B 17 -5.17 -22.09 -20.11
C SER B 17 -5.73 -21.22 -21.24
N ASN B 18 -7.05 -21.16 -21.33
CA ASN B 18 -7.70 -20.30 -22.31
C ASN B 18 -7.27 -18.86 -22.14
N PHE B 19 -7.09 -18.46 -20.88
CA PHE B 19 -6.78 -17.08 -20.59
C PHE B 19 -5.33 -16.89 -20.22
N GLN B 20 -4.52 -17.86 -20.63
CA GLN B 20 -3.10 -17.85 -20.34
C GLN B 20 -2.30 -17.98 -21.62
N GLN B 21 -2.94 -17.68 -22.74
CA GLN B 21 -2.25 -17.55 -24.01
C GLN B 21 -1.91 -16.08 -24.19
N PRO B 22 -0.66 -15.71 -23.90
CA PRO B 22 -0.30 -14.29 -23.83
C PRO B 22 -0.52 -13.60 -25.15
N TYR B 23 -0.30 -14.30 -26.26
CA TYR B 23 -0.46 -13.63 -27.53
C TYR B 23 -1.85 -13.06 -27.62
N ILE B 24 -2.84 -13.93 -27.59
CA ILE B 24 -4.22 -13.51 -27.75
C ILE B 24 -4.68 -12.59 -26.63
N THR B 25 -4.24 -12.87 -25.40
CA THR B 25 -4.52 -12.00 -24.29
C THR B 25 -4.04 -10.58 -24.61
N ASN B 26 -2.80 -10.47 -25.06
CA ASN B 26 -2.29 -9.18 -25.49
C ASN B 26 -3.16 -8.57 -26.58
N ARG B 27 -3.39 -9.32 -27.65
CA ARG B 27 -4.16 -8.83 -28.79
C ARG B 27 -5.53 -8.36 -28.37
N THR B 28 -6.11 -9.06 -27.40
CA THR B 28 -7.40 -8.68 -26.88
C THR B 28 -7.31 -7.31 -26.22
N PHE B 29 -6.28 -7.12 -25.42
CA PHE B 29 -6.07 -5.84 -24.77
C PHE B 29 -5.67 -4.77 -25.76
N MET B 30 -4.84 -5.12 -26.72
CA MET B 30 -4.46 -4.19 -27.77
C MET B 30 -5.69 -3.74 -28.54
N LEU B 31 -6.55 -4.71 -28.82
CA LEU B 31 -7.75 -4.48 -29.60
C LEU B 31 -8.71 -3.63 -28.79
N ALA B 32 -8.88 -3.99 -27.53
CA ALA B 32 -9.76 -3.25 -26.65
C ALA B 32 -9.22 -1.84 -26.49
N LYS B 33 -7.89 -1.73 -26.48
CA LYS B 33 -7.23 -0.46 -26.32
C LYS B 33 -7.47 0.40 -27.55
N GLU B 34 -7.27 -0.17 -28.72
CA GLU B 34 -7.52 0.58 -29.93
C GLU B 34 -8.93 1.10 -29.79
N ALA B 35 -9.87 0.16 -29.70
CA ALA B 35 -11.28 0.45 -29.65
C ALA B 35 -11.61 1.52 -28.63
N SER B 36 -11.06 1.40 -27.44
CA SER B 36 -11.38 2.36 -26.39
C SER B 36 -10.79 3.75 -26.68
N LEU B 37 -9.74 3.82 -27.50
CA LEU B 37 -9.19 5.12 -27.87
C LEU B 37 -10.29 5.93 -28.49
N ALA B 38 -11.24 5.21 -29.09
CA ALA B 38 -12.33 5.82 -29.82
C ALA B 38 -13.53 5.93 -28.91
N ASP B 39 -13.37 5.51 -27.66
CA ASP B 39 -14.50 5.43 -26.77
C ASP B 39 -14.45 6.50 -25.69
N ASN B 40 -15.40 7.42 -25.76
CA ASN B 40 -15.43 8.60 -24.92
C ASN B 40 -16.37 8.45 -23.74
N ASN B 41 -17.32 7.53 -23.87
CA ASN B 41 -18.21 7.22 -22.76
C ASN B 41 -17.41 6.53 -21.67
N THR B 42 -16.83 7.34 -20.80
CA THR B 42 -16.08 6.82 -19.69
C THR B 42 -17.08 6.57 -18.56
N ASP B 43 -18.23 7.22 -18.68
CA ASP B 43 -19.30 7.13 -17.69
C ASP B 43 -20.07 5.83 -17.84
N VAL B 44 -19.90 5.19 -18.97
CA VAL B 44 -20.71 4.02 -19.32
C VAL B 44 -19.82 2.83 -19.63
N ARG B 45 -19.82 1.86 -18.74
CA ARG B 45 -19.02 0.68 -18.88
C ARG B 45 -19.94 -0.51 -19.00
N LEU B 46 -19.78 -1.28 -20.08
CA LEU B 46 -20.67 -2.41 -20.33
C LEU B 46 -20.40 -3.51 -19.32
N ILE B 47 -19.19 -4.04 -19.37
CA ILE B 47 -18.77 -5.07 -18.45
C ILE B 47 -18.24 -4.39 -17.20
N GLY B 48 -19.15 -4.10 -16.28
CA GLY B 48 -18.82 -3.42 -15.05
C GLY B 48 -19.57 -4.09 -13.93
N GLU B 49 -19.48 -3.52 -12.74
CA GLU B 49 -20.10 -4.10 -11.56
C GLU B 49 -21.59 -4.32 -11.77
N LYS B 50 -22.26 -3.32 -12.34
CA LYS B 50 -23.71 -3.38 -12.49
C LYS B 50 -24.15 -4.46 -13.47
N LEU B 51 -23.18 -5.15 -14.06
CA LEU B 51 -23.47 -6.26 -14.95
C LEU B 51 -23.76 -7.51 -14.14
N PHE B 52 -23.08 -7.62 -13.00
CA PHE B 52 -23.17 -8.81 -12.17
C PHE B 52 -24.08 -8.52 -10.97
N HIS B 53 -24.40 -7.25 -10.79
CA HIS B 53 -25.33 -6.83 -9.76
C HIS B 53 -26.52 -7.77 -9.73
N GLY B 54 -26.59 -8.61 -8.69
CA GLY B 54 -27.67 -9.57 -8.55
C GLY B 54 -27.26 -10.97 -8.96
N VAL B 55 -26.06 -11.08 -9.51
CA VAL B 55 -25.57 -12.37 -10.00
C VAL B 55 -24.54 -12.98 -9.06
N SER B 56 -24.83 -14.20 -8.62
CA SER B 56 -23.93 -14.94 -7.74
C SER B 56 -22.65 -15.23 -8.49
N MET B 57 -21.53 -15.23 -7.78
CA MET B 57 -20.25 -15.55 -8.40
C MET B 57 -20.39 -16.85 -9.18
N SER B 58 -21.27 -17.72 -8.69
CA SER B 58 -21.52 -18.98 -9.38
C SER B 58 -22.10 -18.76 -10.77
N GLU B 59 -23.03 -17.83 -10.87
CA GLU B 59 -23.73 -17.57 -12.12
C GLU B 59 -22.94 -16.66 -13.07
N ARG B 60 -21.87 -16.06 -12.55
CA ARG B 60 -21.09 -15.10 -13.33
C ARG B 60 -20.72 -15.60 -14.72
N CYS B 61 -20.27 -16.85 -14.81
CA CYS B 61 -19.80 -17.38 -16.09
C CYS B 61 -20.90 -17.48 -17.12
N TYR B 62 -22.08 -17.92 -16.68
CA TYR B 62 -23.22 -17.99 -17.58
C TYR B 62 -23.48 -16.58 -18.11
N LEU B 63 -23.45 -15.62 -17.20
CA LEU B 63 -23.58 -14.23 -17.53
C LEU B 63 -22.55 -13.86 -18.60
N MET B 64 -21.28 -14.07 -18.27
CA MET B 64 -20.21 -13.76 -19.21
C MET B 64 -20.35 -14.54 -20.51
N LYS B 65 -20.85 -15.75 -20.43
CA LYS B 65 -21.16 -16.51 -21.63
C LYS B 65 -22.12 -15.67 -22.46
N GLN B 66 -23.15 -15.17 -21.80
CA GLN B 66 -24.18 -14.40 -22.46
C GLN B 66 -23.57 -13.17 -23.11
N VAL B 67 -22.92 -12.35 -22.31
CA VAL B 67 -22.24 -11.17 -22.83
C VAL B 67 -21.34 -11.52 -24.02
N LEU B 68 -20.49 -12.51 -23.82
CA LEU B 68 -19.57 -12.91 -24.86
C LEU B 68 -20.30 -13.20 -26.17
N ASN B 69 -21.45 -13.85 -26.07
CA ASN B 69 -22.21 -14.23 -27.26
C ASN B 69 -22.78 -12.99 -27.94
N PHE B 70 -23.49 -12.18 -27.16
CA PHE B 70 -24.01 -10.94 -27.67
C PHE B 70 -22.88 -10.18 -28.35
N THR B 71 -21.80 -10.03 -27.62
CA THR B 71 -20.62 -9.37 -28.12
C THR B 71 -20.22 -9.96 -29.47
N LEU B 72 -20.01 -11.27 -29.48
CA LEU B 72 -19.61 -11.94 -30.71
C LEU B 72 -20.59 -11.71 -31.85
N GLU B 73 -21.86 -12.01 -31.58
CA GLU B 73 -22.91 -11.95 -32.61
C GLU B 73 -23.24 -10.52 -33.00
N GLU B 74 -23.50 -9.68 -32.01
CA GLU B 74 -23.99 -8.34 -32.24
C GLU B 74 -22.88 -7.36 -32.62
N VAL B 75 -21.67 -7.61 -32.14
CA VAL B 75 -20.59 -6.66 -32.35
C VAL B 75 -19.39 -7.20 -33.13
N LEU B 76 -18.74 -8.22 -32.59
CA LEU B 76 -17.45 -8.66 -33.13
C LEU B 76 -17.55 -9.30 -34.50
N PHE B 77 -18.53 -10.18 -34.68
CA PHE B 77 -18.69 -10.80 -35.99
C PHE B 77 -19.01 -9.75 -37.04
N PRO B 78 -19.97 -8.85 -36.75
CA PRO B 78 -20.34 -7.82 -37.72
C PRO B 78 -19.18 -6.87 -37.99
N GLN B 79 -18.45 -6.52 -36.93
CA GLN B 79 -17.38 -5.56 -37.06
C GLN B 79 -16.05 -6.23 -37.27
N SER B 80 -16.08 -7.47 -37.71
CA SER B 80 -14.87 -8.27 -37.82
C SER B 80 -13.95 -7.67 -38.86
N ASP B 81 -14.52 -6.80 -39.69
CA ASP B 81 -13.78 -6.18 -40.77
C ASP B 81 -12.90 -5.06 -40.27
N ARG B 82 -13.03 -4.71 -39.01
CA ARG B 82 -12.25 -3.58 -38.51
C ARG B 82 -11.35 -3.95 -37.37
N PHE B 83 -10.53 -2.97 -36.98
CA PHE B 83 -9.57 -3.16 -35.93
C PHE B 83 -8.66 -4.33 -36.22
N GLN B 84 -8.24 -4.43 -37.47
CA GLN B 84 -7.22 -5.41 -37.83
C GLN B 84 -5.86 -4.92 -37.39
N PRO B 85 -4.94 -5.85 -37.07
CA PRO B 85 -5.08 -7.30 -37.20
C PRO B 85 -5.80 -7.93 -36.00
N TYR B 86 -5.83 -7.20 -34.90
CA TYR B 86 -6.28 -7.77 -33.64
C TYR B 86 -7.62 -8.46 -33.80
N MET B 87 -8.51 -7.81 -34.52
CA MET B 87 -9.86 -8.32 -34.63
C MET B 87 -9.87 -9.76 -35.09
N GLN B 88 -9.16 -10.03 -36.19
CA GLN B 88 -9.18 -11.36 -36.80
C GLN B 88 -8.52 -12.39 -35.92
N GLU B 89 -7.77 -11.91 -34.93
CA GLU B 89 -7.12 -12.80 -33.98
C GLU B 89 -8.00 -13.04 -32.76
N VAL B 90 -8.65 -11.99 -32.29
CA VAL B 90 -9.33 -12.01 -31.02
C VAL B 90 -10.74 -12.56 -31.15
N VAL B 91 -11.41 -12.21 -32.24
CA VAL B 91 -12.77 -12.67 -32.42
C VAL B 91 -12.81 -14.20 -32.45
N PRO B 92 -11.89 -14.82 -33.19
CA PRO B 92 -11.82 -16.29 -33.22
C PRO B 92 -11.64 -16.82 -31.81
N PHE B 93 -10.63 -16.33 -31.13
CA PHE B 93 -10.38 -16.72 -29.75
C PHE B 93 -11.67 -16.65 -28.96
N LEU B 94 -12.33 -15.50 -29.02
CA LEU B 94 -13.56 -15.31 -28.26
C LEU B 94 -14.65 -16.21 -28.77
N ALA B 95 -14.65 -16.47 -30.07
CA ALA B 95 -15.60 -17.39 -30.67
C ALA B 95 -15.43 -18.73 -29.98
N ARG B 96 -14.18 -19.19 -29.90
CA ARG B 96 -13.86 -20.45 -29.25
C ARG B 96 -14.43 -20.52 -27.84
N LEU B 97 -14.17 -19.48 -27.05
CA LEU B 97 -14.73 -19.38 -25.71
C LEU B 97 -16.24 -19.52 -25.75
N SER B 98 -16.87 -18.96 -26.78
CA SER B 98 -18.31 -19.06 -26.95
C SER B 98 -18.73 -20.51 -26.94
N ASN B 99 -17.97 -21.35 -27.66
CA ASN B 99 -18.25 -22.76 -27.78
C ASN B 99 -18.03 -23.48 -26.46
N ARG B 100 -16.80 -23.44 -25.98
CA ARG B 100 -16.47 -24.05 -24.70
C ARG B 100 -17.51 -23.69 -23.65
N LEU B 101 -18.26 -22.72 -23.94
CA LEU B 101 -19.04 -22.20 -22.93
C LEU B 101 -20.34 -22.44 -23.25
N SER B 102 -20.60 -23.06 -24.30
CA SER B 102 -21.90 -23.33 -24.49
C SER B 102 -22.10 -24.37 -23.56
N THR B 103 -22.20 -23.96 -22.32
CA THR B 103 -23.29 -24.27 -21.53
C THR B 103 -23.37 -23.60 -20.22
N CYS B 104 -24.39 -23.98 -19.51
CA CYS B 104 -25.49 -23.19 -19.00
C CYS B 104 -25.69 -23.22 -17.54
N HIS B 105 -26.78 -22.80 -17.19
CA HIS B 105 -27.32 -22.65 -15.85
C HIS B 105 -27.30 -21.20 -15.38
N HIS B 112 -34.20 -12.31 -14.16
CA HIS B 112 -33.21 -13.27 -14.65
C HIS B 112 -31.86 -12.59 -14.79
N ILE B 113 -30.96 -13.26 -15.48
CA ILE B 113 -29.64 -12.72 -15.79
C ILE B 113 -29.72 -11.78 -16.98
N GLN B 114 -30.62 -12.08 -17.91
CA GLN B 114 -30.80 -11.24 -19.08
C GLN B 114 -31.11 -9.82 -18.68
N ARG B 115 -31.84 -9.65 -17.59
CA ARG B 115 -32.14 -8.31 -17.13
C ARG B 115 -30.86 -7.49 -17.01
N ASN B 116 -29.74 -8.20 -16.86
CA ASN B 116 -28.42 -7.56 -16.82
C ASN B 116 -27.77 -7.62 -18.18
N VAL B 117 -27.71 -8.81 -18.75
CA VAL B 117 -27.17 -8.96 -20.08
C VAL B 117 -27.86 -8.00 -21.03
N GLN B 118 -29.18 -7.90 -20.90
CA GLN B 118 -29.97 -7.02 -21.76
C GLN B 118 -29.61 -5.58 -21.53
N LYS B 119 -29.46 -5.20 -20.27
CA LYS B 119 -29.00 -3.86 -19.92
C LYS B 119 -27.73 -3.57 -20.73
N LEU B 120 -26.82 -4.54 -20.76
CA LEU B 120 -25.60 -4.38 -21.51
C LEU B 120 -25.92 -4.24 -22.99
N LYS B 121 -26.74 -5.16 -23.48
CA LYS B 121 -27.14 -5.19 -24.88
C LYS B 121 -27.85 -3.91 -25.27
N ASP B 122 -28.79 -3.48 -24.44
CA ASP B 122 -29.53 -2.27 -24.73
C ASP B 122 -28.60 -1.07 -24.70
N THR B 123 -27.62 -1.11 -23.81
CA THR B 123 -26.63 -0.03 -23.72
C THR B 123 -25.84 0.07 -25.02
N VAL B 124 -25.32 -1.06 -25.48
CA VAL B 124 -24.56 -1.10 -26.71
C VAL B 124 -25.37 -0.55 -27.86
N LYS B 125 -26.67 -0.84 -27.84
CA LYS B 125 -27.53 -0.37 -28.92
C LYS B 125 -27.87 1.11 -28.80
N LYS B 126 -28.12 1.57 -27.59
CA LYS B 126 -28.37 2.98 -27.36
C LYS B 126 -27.16 3.76 -27.84
N LEU B 127 -25.97 3.26 -27.49
CA LEU B 127 -24.72 3.91 -27.86
C LEU B 127 -24.47 3.79 -29.34
N GLY B 128 -25.31 3.01 -30.01
CA GLY B 128 -25.15 2.78 -31.43
C GLY B 128 -23.73 2.45 -31.82
N GLU B 129 -23.19 3.28 -32.71
CA GLU B 129 -21.89 3.03 -33.33
C GLU B 129 -20.76 3.05 -32.31
N SER B 130 -20.92 3.88 -31.30
CA SER B 130 -19.95 3.94 -30.22
C SER B 130 -20.17 2.81 -29.24
N GLY B 131 -21.33 2.17 -29.33
CA GLY B 131 -21.62 1.00 -28.54
C GLY B 131 -20.81 -0.17 -29.04
N GLU B 132 -20.66 -0.27 -30.36
CA GLU B 132 -19.79 -1.29 -30.94
C GLU B 132 -18.36 -0.99 -30.51
N ILE B 133 -17.96 0.27 -30.66
CA ILE B 133 -16.66 0.73 -30.20
C ILE B 133 -16.41 0.29 -28.77
N LYS B 134 -17.35 0.63 -27.90
CA LYS B 134 -17.20 0.38 -26.48
C LYS B 134 -17.13 -1.10 -26.23
N ALA B 135 -18.02 -1.83 -26.88
CA ALA B 135 -18.07 -3.27 -26.73
C ALA B 135 -16.70 -3.83 -27.09
N ILE B 136 -16.10 -3.31 -28.14
CA ILE B 136 -14.78 -3.79 -28.55
C ILE B 136 -13.74 -3.29 -27.57
N GLY B 137 -13.93 -2.08 -27.06
CA GLY B 137 -12.98 -1.52 -26.12
C GLY B 137 -13.02 -2.27 -24.81
N GLU B 138 -13.97 -3.19 -24.70
CA GLU B 138 -14.16 -3.88 -23.45
C GLU B 138 -13.89 -5.36 -23.61
N LEU B 139 -13.28 -5.73 -24.72
CA LEU B 139 -12.98 -7.12 -24.95
C LEU B 139 -12.00 -7.56 -23.88
N ASP B 140 -11.06 -6.68 -23.54
CA ASP B 140 -10.14 -6.94 -22.43
C ASP B 140 -10.93 -7.21 -21.15
N LEU B 141 -11.99 -6.42 -20.93
CA LEU B 141 -12.86 -6.62 -19.78
C LEU B 141 -13.64 -7.91 -19.90
N LEU B 142 -14.21 -8.14 -21.07
CA LEU B 142 -14.95 -9.37 -21.34
C LEU B 142 -14.01 -10.52 -21.10
N PHE B 143 -12.79 -10.36 -21.59
CA PHE B 143 -11.72 -11.31 -21.34
C PHE B 143 -11.50 -11.49 -19.85
N MET B 144 -10.92 -10.47 -19.23
CA MET B 144 -10.64 -10.48 -17.80
C MET B 144 -11.82 -11.05 -17.03
N SER B 145 -13.03 -10.67 -17.43
CA SER B 145 -14.23 -11.04 -16.72
C SER B 145 -14.52 -12.50 -16.98
N LEU B 146 -14.55 -12.83 -18.26
CA LEU B 146 -14.72 -14.21 -18.70
C LEU B 146 -13.83 -15.10 -17.86
N ARG B 147 -12.56 -14.74 -17.81
CA ARG B 147 -11.59 -15.47 -17.00
C ARG B 147 -12.07 -15.60 -15.55
N ASN B 148 -12.16 -14.48 -14.84
CA ASN B 148 -12.56 -14.49 -13.44
C ASN B 148 -13.90 -15.18 -13.21
N ALA B 149 -14.71 -15.24 -14.24
CA ALA B 149 -16.06 -15.81 -14.13
C ALA B 149 -16.08 -17.30 -14.40
N CYS B 150 -15.01 -17.81 -15.01
CA CYS B 150 -14.98 -19.22 -15.40
C CYS B 150 -13.69 -19.93 -14.94
N HIS C 6 23.38 -19.43 25.93
CA HIS C 6 24.35 -19.98 24.98
C HIS C 6 23.75 -20.34 23.64
N GLU C 7 22.47 -20.72 23.61
CA GLU C 7 21.74 -20.71 22.35
C GLU C 7 21.75 -19.30 21.73
N SER C 8 22.52 -19.23 20.66
CA SER C 8 22.79 -18.03 19.90
C SER C 8 23.05 -18.66 18.55
N LEU C 9 22.44 -19.84 18.38
CA LEU C 9 22.08 -20.39 17.09
C LEU C 9 20.82 -19.63 16.71
N LYS C 10 20.37 -18.85 17.67
CA LYS C 10 19.24 -17.95 17.53
C LYS C 10 19.59 -16.90 16.50
N PRO C 11 18.60 -16.43 15.73
CA PRO C 11 18.90 -15.30 14.84
C PRO C 11 19.40 -14.14 15.68
N GLN C 12 20.31 -13.37 15.12
CA GLN C 12 21.08 -12.44 15.92
C GLN C 12 20.63 -11.04 15.58
N ARG C 13 20.82 -10.10 16.51
CA ARG C 13 20.55 -8.71 16.20
C ARG C 13 19.22 -8.56 15.46
N VAL C 14 18.21 -9.31 15.91
CA VAL C 14 16.89 -9.24 15.26
C VAL C 14 16.20 -7.91 15.54
N GLN C 15 16.04 -7.12 14.50
CA GLN C 15 15.53 -5.78 14.67
C GLN C 15 14.76 -5.34 13.47
N PHE C 16 14.02 -4.26 13.65
CA PHE C 16 13.36 -3.65 12.52
C PHE C 16 14.25 -2.56 11.97
N GLN C 17 14.59 -2.66 10.70
CA GLN C 17 15.05 -1.50 9.99
C GLN C 17 13.78 -0.77 9.61
N SER C 18 13.66 0.48 10.03
CA SER C 18 12.46 1.23 9.68
C SER C 18 12.77 2.56 9.04
N ARG C 19 12.64 2.61 7.72
CA ARG C 19 12.87 3.85 7.01
C ARG C 19 11.62 4.14 6.25
N ASN C 20 11.12 5.36 6.42
CA ASN C 20 9.96 5.80 5.67
C ASN C 20 8.84 4.81 5.84
N PHE C 21 8.72 4.33 7.07
CA PHE C 21 7.66 3.42 7.49
C PHE C 21 7.64 2.15 6.69
N HIS C 22 8.75 1.90 6.01
CA HIS C 22 9.02 0.57 5.51
C HIS C 22 9.73 -0.16 6.63
N ASN C 23 9.04 -1.15 7.17
CA ASN C 23 9.54 -1.88 8.31
C ASN C 23 10.06 -3.25 7.88
N ILE C 24 11.35 -3.29 7.60
CA ILE C 24 11.99 -4.53 7.24
C ILE C 24 12.45 -5.18 8.52
N LEU C 25 11.96 -6.38 8.77
CA LEU C 25 12.48 -7.14 9.90
C LEU C 25 13.82 -7.70 9.46
N GLN C 26 14.86 -7.39 10.20
CA GLN C 26 16.13 -7.96 9.82
C GLN C 26 16.83 -8.62 10.99
N TRP C 27 17.82 -9.45 10.67
CA TRP C 27 18.50 -10.21 11.69
C TRP C 27 19.77 -10.81 11.12
N GLN C 28 20.66 -11.22 12.01
CA GLN C 28 21.86 -11.89 11.60
C GLN C 28 21.69 -13.36 11.94
N PRO C 29 22.51 -14.23 11.34
CA PRO C 29 22.43 -15.68 11.50
C PRO C 29 22.71 -16.20 12.92
N GLY C 30 23.79 -15.78 13.54
CA GLY C 30 24.20 -16.39 14.80
C GLY C 30 24.81 -17.77 14.58
N ARG C 31 25.51 -18.28 15.60
CA ARG C 31 26.27 -19.54 15.54
C ARG C 31 25.71 -20.62 14.62
N ALA C 32 26.60 -21.29 13.92
CA ALA C 32 26.23 -22.35 12.98
C ALA C 32 25.55 -23.51 13.69
N ASN C 36 25.85 -27.11 6.80
CA ASN C 36 24.70 -26.66 7.57
C ASN C 36 24.34 -25.22 7.25
N SER C 37 23.44 -25.01 6.29
CA SER C 37 23.03 -23.65 5.94
C SER C 37 21.65 -23.38 6.48
N SER C 38 21.43 -22.18 6.98
CA SER C 38 20.22 -21.91 7.70
C SER C 38 19.11 -21.26 6.90
N VAL C 39 17.95 -21.22 7.53
CA VAL C 39 16.72 -20.79 6.91
C VAL C 39 15.95 -20.15 8.05
N TYR C 40 15.08 -19.19 7.73
CA TYR C 40 14.43 -18.42 8.76
C TYR C 40 12.95 -18.35 8.61
N PHE C 41 12.29 -18.34 9.76
CA PHE C 41 10.85 -18.21 9.81
C PHE C 41 10.54 -16.94 10.55
N VAL C 42 9.87 -16.03 9.86
CA VAL C 42 9.56 -14.77 10.46
C VAL C 42 8.13 -14.78 10.95
N GLN C 43 7.94 -14.28 12.16
CA GLN C 43 6.62 -14.13 12.72
C GLN C 43 6.50 -12.72 13.23
N TYR C 44 5.27 -12.23 13.28
CA TYR C 44 5.06 -10.89 13.75
C TYR C 44 3.77 -10.86 14.51
N LYS C 45 3.56 -9.77 15.21
CA LYS C 45 2.32 -9.63 15.94
C LYS C 45 2.20 -8.20 16.38
N ILE C 46 1.00 -7.84 16.73
CA ILE C 46 0.83 -6.58 17.39
C ILE C 46 0.95 -6.92 18.85
N TYR C 47 1.78 -6.15 19.55
CA TYR C 47 1.81 -6.22 20.99
C TYR C 47 0.38 -6.45 21.47
N GLY C 48 0.19 -7.44 22.32
CA GLY C 48 -1.11 -7.68 22.91
C GLY C 48 -1.84 -8.82 22.25
N GLN C 49 -1.40 -9.18 21.06
CA GLN C 49 -2.00 -10.31 20.38
C GLN C 49 -1.43 -11.56 21.01
N ARG C 50 -2.26 -12.57 21.19
CA ARG C 50 -1.81 -13.78 21.83
C ARG C 50 -1.11 -14.63 20.80
N GLN C 51 -1.61 -14.58 19.58
CA GLN C 51 -1.04 -15.38 18.51
C GLN C 51 -0.02 -14.61 17.68
N TRP C 52 0.91 -15.35 17.11
CA TRP C 52 1.89 -14.76 16.21
C TRP C 52 1.50 -15.10 14.80
N LYS C 53 1.57 -14.08 13.94
CA LYS C 53 1.28 -14.24 12.54
C LYS C 53 2.54 -14.70 11.87
N ASN C 54 2.42 -15.76 11.08
CA ASN C 54 3.55 -16.21 10.29
C ASN C 54 3.72 -15.30 9.07
N LYS C 55 4.93 -14.82 8.86
CA LYS C 55 5.22 -14.10 7.63
C LYS C 55 5.58 -15.13 6.57
N GLU C 56 4.59 -15.48 5.76
CA GLU C 56 4.75 -16.52 4.76
C GLU C 56 5.74 -16.16 3.66
N ASP C 57 5.91 -14.88 3.38
CA ASP C 57 6.93 -14.44 2.43
C ASP C 57 8.33 -14.69 2.98
N CYS C 58 8.47 -14.59 4.30
CA CYS C 58 9.74 -14.91 4.96
C CYS C 58 9.54 -16.10 5.87
N TRP C 59 9.40 -17.28 5.30
CA TRP C 59 9.09 -18.46 6.11
C TRP C 59 9.85 -19.66 5.56
N GLY C 60 11.05 -19.86 6.07
CA GLY C 60 11.95 -20.85 5.50
C GLY C 60 12.86 -20.13 4.54
N THR C 61 12.98 -18.82 4.76
CA THR C 61 13.78 -17.97 3.91
C THR C 61 15.24 -18.13 4.27
N GLN C 62 16.11 -18.01 3.29
CA GLN C 62 17.53 -17.94 3.58
C GLN C 62 17.94 -16.48 3.72
N GLU C 63 16.97 -15.58 3.72
CA GLU C 63 17.24 -14.15 3.80
C GLU C 63 17.44 -13.69 5.25
N LEU C 64 18.19 -12.61 5.41
CA LEU C 64 18.47 -12.07 6.73
C LEU C 64 17.59 -10.87 7.05
N SER C 65 16.53 -10.74 6.27
CA SER C 65 15.57 -9.67 6.47
C SER C 65 14.22 -10.12 5.93
N CYS C 66 13.19 -9.37 6.29
CA CYS C 66 11.83 -9.70 5.94
C CYS C 66 11.03 -8.43 5.92
N ASP C 67 10.51 -8.07 4.77
CA ASP C 67 9.69 -6.87 4.69
C ASP C 67 8.38 -7.11 5.42
N LEU C 68 8.20 -6.40 6.53
CA LEU C 68 6.97 -6.49 7.30
C LEU C 68 6.17 -5.21 7.14
N THR C 69 6.46 -4.47 6.09
CA THR C 69 5.86 -3.16 5.96
C THR C 69 4.33 -3.23 5.93
N SER C 70 3.77 -4.12 5.13
CA SER C 70 2.32 -4.21 5.04
C SER C 70 1.74 -4.66 6.37
N GLU C 71 2.54 -5.41 7.13
CA GLU C 71 2.06 -6.06 8.33
C GLU C 71 2.08 -5.12 9.50
N THR C 72 2.84 -4.04 9.34
CA THR C 72 3.10 -3.11 10.41
C THR C 72 2.71 -1.72 9.97
N SER C 73 1.56 -1.60 9.33
CA SER C 73 1.23 -0.34 8.68
C SER C 73 0.20 0.49 9.44
N ASP C 74 -0.23 -0.04 10.57
CA ASP C 74 -0.84 0.80 11.58
C ASP C 74 0.40 1.33 12.33
N ILE C 75 0.76 2.57 12.04
CA ILE C 75 2.09 3.06 12.40
C ILE C 75 2.26 3.34 13.88
N GLN C 76 1.16 3.58 14.58
CA GLN C 76 1.23 3.85 16.00
C GLN C 76 1.07 2.56 16.77
N GLU C 77 0.97 1.46 16.05
CA GLU C 77 0.80 0.16 16.69
C GLU C 77 2.14 -0.36 17.16
N PRO C 78 2.14 -0.97 18.36
CA PRO C 78 3.29 -1.68 18.89
C PRO C 78 3.34 -3.02 18.20
N TYR C 79 4.47 -3.31 17.58
CA TYR C 79 4.61 -4.54 16.83
C TYR C 79 5.76 -5.32 17.36
N TYR C 80 5.67 -6.62 17.18
CA TYR C 80 6.81 -7.48 17.40
C TYR C 80 7.05 -8.26 16.15
N GLY C 81 8.32 -8.50 15.86
CA GLY C 81 8.68 -9.48 14.86
C GLY C 81 9.63 -10.42 15.57
N ARG C 82 9.61 -11.67 15.18
CA ARG C 82 10.60 -12.60 15.69
C ARG C 82 10.98 -13.53 14.58
N VAL C 83 12.20 -14.03 14.66
CA VAL C 83 12.70 -14.95 13.67
C VAL C 83 13.24 -16.14 14.43
N ARG C 84 12.93 -17.33 13.95
CA ARG C 84 13.68 -18.49 14.37
C ARG C 84 14.47 -18.96 13.16
N ALA C 85 15.67 -19.48 13.39
CA ALA C 85 16.42 -20.13 12.34
C ALA C 85 16.10 -21.60 12.41
N ALA C 86 16.30 -22.30 11.32
CA ALA C 86 16.30 -23.75 11.35
C ALA C 86 17.37 -24.22 10.39
N SER C 87 18.23 -25.10 10.88
CA SER C 87 19.19 -25.72 10.02
C SER C 87 18.99 -27.21 10.23
N ALA C 88 18.92 -27.95 9.12
CA ALA C 88 18.90 -29.40 9.19
C ALA C 88 17.95 -29.93 10.27
N GLY C 89 16.73 -29.42 10.29
CA GLY C 89 15.69 -29.97 11.14
C GLY C 89 15.61 -29.39 12.54
N SER C 90 16.73 -28.85 13.03
CA SER C 90 16.76 -28.21 14.34
C SER C 90 16.37 -26.74 14.22
N TYR C 91 15.49 -26.29 15.10
CA TYR C 91 15.03 -24.91 15.08
C TYR C 91 15.64 -24.10 16.22
N SER C 92 16.13 -22.92 15.90
CA SER C 92 16.58 -22.01 16.93
C SER C 92 15.35 -21.60 17.73
N GLU C 93 15.61 -20.95 18.85
CA GLU C 93 14.55 -20.33 19.59
C GLU C 93 14.14 -19.09 18.83
N TRP C 94 12.95 -18.59 19.13
CA TRP C 94 12.49 -17.39 18.46
C TRP C 94 13.26 -16.18 18.96
N SER C 95 13.89 -15.46 18.05
CA SER C 95 14.55 -14.20 18.38
C SER C 95 13.61 -13.05 18.07
N MET C 96 13.15 -12.38 19.12
CA MET C 96 12.15 -11.34 18.97
C MET C 96 12.81 -9.99 18.91
N THR C 97 12.12 -9.07 18.26
CA THR C 97 12.53 -7.68 18.22
C THR C 97 12.04 -7.02 19.50
N PRO C 98 12.64 -5.88 19.84
CA PRO C 98 11.98 -5.01 20.80
C PRO C 98 10.57 -4.69 20.31
N ARG C 99 9.71 -4.18 21.16
CA ARG C 99 8.42 -3.74 20.70
C ARG C 99 8.69 -2.67 19.67
N PHE C 100 8.00 -2.74 18.55
CA PHE C 100 8.29 -1.85 17.45
C PHE C 100 7.08 -0.98 17.15
N THR C 101 7.25 0.33 17.30
CA THR C 101 6.22 1.26 16.92
C THR C 101 6.73 2.11 15.78
N PRO C 102 6.33 1.78 14.55
CA PRO C 102 6.82 2.47 13.35
C PRO C 102 6.81 3.98 13.54
N TRP C 103 5.71 4.50 14.05
CA TRP C 103 5.52 5.92 14.26
C TRP C 103 6.74 6.50 14.96
N TRP C 104 7.17 5.80 15.99
CA TRP C 104 8.26 6.25 16.82
C TRP C 104 9.60 5.88 16.24
N GLU C 105 9.71 4.65 15.75
CA GLU C 105 11.02 4.13 15.40
C GLU C 105 11.48 4.49 14.01
N THR C 106 10.55 4.73 13.09
CA THR C 106 10.92 4.88 11.69
C THR C 106 11.71 6.14 11.42
N LYS C 107 12.66 6.03 10.51
CA LYS C 107 13.46 7.15 10.07
C LYS C 107 12.95 7.62 8.73
N ILE C 108 12.81 8.93 8.59
CA ILE C 108 12.35 9.52 7.36
C ILE C 108 13.52 10.01 6.54
N ASP C 109 13.61 9.52 5.30
CA ASP C 109 14.63 10.00 4.38
C ASP C 109 14.34 11.44 4.07
N PRO C 110 15.34 12.16 3.56
CA PRO C 110 15.06 13.51 3.07
C PRO C 110 13.94 13.45 2.04
N PRO C 111 13.27 14.58 1.81
CA PRO C 111 12.37 14.61 0.66
C PRO C 111 13.26 14.71 -0.55
N VAL C 112 12.79 14.27 -1.70
CA VAL C 112 13.54 14.61 -2.90
C VAL C 112 13.05 15.99 -3.30
N MET C 113 13.99 16.83 -3.72
CA MET C 113 13.64 18.20 -4.00
C MET C 113 13.88 18.51 -5.46
N ASN C 114 12.84 19.02 -6.10
CA ASN C 114 12.96 19.54 -7.44
C ASN C 114 12.68 21.02 -7.41
N ILE C 115 13.52 21.80 -8.07
CA ILE C 115 13.28 23.22 -8.18
C ILE C 115 13.16 23.60 -9.64
N THR C 116 12.44 24.69 -9.90
CA THR C 116 12.35 25.23 -11.25
C THR C 116 12.27 26.74 -11.11
N GLN C 117 12.48 27.47 -12.20
CA GLN C 117 12.48 28.94 -12.17
C GLN C 117 11.30 29.47 -11.37
N LEU C 122 12.14 30.50 -6.84
CA LEU C 122 12.09 29.18 -7.46
C LEU C 122 10.91 28.38 -6.96
N LEU C 123 10.41 27.47 -7.79
CA LEU C 123 9.33 26.59 -7.40
C LEU C 123 9.87 25.26 -6.89
N VAL C 124 9.93 25.12 -5.58
CA VAL C 124 10.44 23.90 -4.96
C VAL C 124 9.31 22.89 -4.82
N ILE C 125 9.52 21.72 -5.40
CA ILE C 125 8.56 20.63 -5.25
C ILE C 125 9.22 19.51 -4.47
N LEU C 126 8.71 19.32 -3.26
CA LEU C 126 9.23 18.32 -2.35
C LEU C 126 8.46 17.03 -2.49
N HIS C 127 9.18 15.94 -2.69
CA HIS C 127 8.55 14.65 -2.70
C HIS C 127 9.01 13.93 -1.46
N ALA C 128 8.06 13.66 -0.57
CA ALA C 128 8.35 12.81 0.56
C ALA C 128 8.98 11.52 0.05
N PRO C 129 9.88 10.93 0.86
CA PRO C 129 10.35 9.60 0.50
C PRO C 129 9.13 8.76 0.24
N ASN C 130 9.29 7.65 -0.46
CA ASN C 130 8.17 6.77 -0.64
C ASN C 130 7.76 6.27 0.74
N LEU C 131 6.49 6.48 1.07
CA LEU C 131 5.90 6.04 2.33
C LEU C 131 4.72 5.13 2.07
N PRO C 132 4.65 4.02 2.80
CA PRO C 132 3.63 3.00 2.57
C PRO C 132 2.22 3.58 2.47
N TYR C 133 2.01 4.77 3.01
CA TYR C 133 0.69 5.36 3.04
C TYR C 133 0.35 5.99 1.70
N ARG C 134 1.40 6.35 0.95
CA ARG C 134 1.23 6.68 -0.45
C ARG C 134 0.25 5.70 -1.08
N TYR C 135 0.24 4.48 -0.58
CA TYR C 135 -0.48 3.41 -1.23
C TYR C 135 -1.86 3.19 -0.68
N GLN C 136 -2.13 3.74 0.50
CA GLN C 136 -3.42 3.51 1.12
C GLN C 136 -4.51 3.90 0.15
N LYS C 137 -5.39 2.94 -0.18
CA LYS C 137 -6.42 3.18 -1.19
C LYS C 137 -7.18 4.47 -0.90
N GLU C 138 -7.76 4.54 0.29
CA GLU C 138 -8.53 5.69 0.68
C GLU C 138 -7.86 6.43 1.81
N LYS C 139 -7.58 7.71 1.58
CA LYS C 139 -6.91 8.56 2.55
C LYS C 139 -7.81 9.70 2.99
N ASN C 140 -7.95 9.88 4.30
CA ASN C 140 -8.68 11.01 4.84
C ASN C 140 -7.71 12.16 5.04
N VAL C 141 -6.42 11.86 4.89
CA VAL C 141 -5.36 12.80 5.21
C VAL C 141 -4.22 12.69 4.21
N SER C 142 -3.59 13.81 3.88
CA SER C 142 -2.40 13.76 3.04
C SER C 142 -1.37 12.87 3.72
N ILE C 143 -0.37 12.45 2.95
CA ILE C 143 0.70 11.63 3.49
C ILE C 143 1.43 12.41 4.58
N GLU C 144 1.91 13.60 4.24
CA GLU C 144 2.53 14.47 5.23
C GLU C 144 1.66 14.59 6.47
N ASP C 145 0.37 14.81 6.30
CA ASP C 145 -0.49 14.92 7.46
C ASP C 145 -0.52 13.60 8.23
N TYR C 146 -0.76 12.53 7.50
CA TYR C 146 -0.84 11.17 8.07
C TYR C 146 0.39 10.86 8.90
N TYR C 147 1.53 11.19 8.34
CA TYR C 147 2.81 10.88 8.95
C TYR C 147 3.28 12.05 9.77
N GLU C 148 2.44 13.08 9.84
CA GLU C 148 2.77 14.25 10.63
C GLU C 148 4.16 14.70 10.30
N LEU C 149 4.41 14.82 9.00
CA LEU C 149 5.69 15.27 8.49
C LEU C 149 5.55 16.68 8.00
N LEU C 150 6.66 17.38 7.99
CA LEU C 150 6.72 18.72 7.46
C LEU C 150 7.86 18.70 6.49
N TYR C 151 7.78 19.51 5.46
CA TYR C 151 8.92 19.72 4.61
C TYR C 151 9.56 20.99 5.09
N ARG C 152 10.88 20.99 5.13
CA ARG C 152 11.60 22.20 5.44
C ARG C 152 12.52 22.47 4.27
N VAL C 153 12.36 23.65 3.68
CA VAL C 153 13.28 24.05 2.63
C VAL C 153 14.23 25.07 3.19
N PHE C 154 15.42 24.95 2.84
CA PHE C 154 16.40 25.73 3.32
C PHE C 154 17.17 26.30 2.23
N ILE C 155 17.44 27.52 2.29
CA ILE C 155 18.41 28.10 1.49
C ILE C 155 19.51 28.73 2.26
N ILE C 156 20.55 27.94 2.56
CA ILE C 156 21.93 28.41 2.42
C ILE C 156 22.21 28.91 1.01
N GLU C 163 22.13 30.28 5.27
CA GLU C 163 21.48 29.14 5.93
C GLU C 163 20.24 29.57 6.69
N GLN C 164 19.10 29.51 6.02
CA GLN C 164 17.84 29.99 6.59
C GLN C 164 16.67 29.14 6.13
N LYS C 165 16.00 28.49 7.08
CA LYS C 165 14.75 27.81 6.80
C LYS C 165 13.83 28.75 6.05
N VAL C 166 13.74 28.56 4.74
CA VAL C 166 12.89 29.40 3.92
C VAL C 166 11.46 28.85 3.86
N TYR C 167 11.30 27.58 4.23
CA TYR C 167 9.99 26.95 4.18
C TYR C 167 9.83 25.78 5.15
N GLU C 168 8.63 25.70 5.72
CA GLU C 168 8.24 24.59 6.55
C GLU C 168 6.73 24.41 6.43
N GLY C 169 6.31 23.28 5.87
CA GLY C 169 4.90 23.00 5.70
C GLY C 169 4.71 21.58 5.23
N ALA C 170 3.47 21.17 5.06
CA ALA C 170 3.19 19.83 4.59
C ALA C 170 2.99 19.84 3.07
N HIS C 171 3.16 21.00 2.46
CA HIS C 171 2.84 21.19 1.05
C HIS C 171 4.12 21.29 0.21
N ARG C 172 4.07 22.04 -0.89
CA ARG C 172 5.28 22.39 -1.66
C ARG C 172 5.32 23.86 -2.10
N ALA C 173 6.52 24.47 -2.00
CA ALA C 173 6.63 25.90 -1.73
C ALA C 173 6.86 26.82 -2.93
N VAL C 174 6.15 27.95 -2.87
CA VAL C 174 6.24 29.03 -3.84
C VAL C 174 7.69 29.45 -4.11
N GLU C 175 8.38 29.94 -3.10
CA GLU C 175 9.81 30.28 -3.23
C GLU C 175 10.64 29.49 -2.22
N TYR C 185 22.74 31.10 -4.20
CA TYR C 185 21.57 30.43 -3.65
C TYR C 185 21.54 28.95 -4.02
N CYS C 186 22.05 28.11 -3.14
CA CYS C 186 21.78 26.68 -3.18
C CYS C 186 20.64 26.34 -2.21
N VAL C 187 19.73 25.49 -2.66
CA VAL C 187 18.57 25.14 -1.84
C VAL C 187 18.57 23.68 -1.43
N VAL C 188 18.34 23.44 -0.16
CA VAL C 188 18.24 22.08 0.32
C VAL C 188 16.91 21.88 1.06
N ALA C 189 16.45 20.64 1.13
CA ALA C 189 15.22 20.36 1.83
C ALA C 189 15.41 19.20 2.81
N GLU C 190 14.53 19.15 3.80
CA GLU C 190 14.48 18.01 4.69
C GLU C 190 13.04 17.80 5.12
N ILE C 191 12.78 16.69 5.78
CA ILE C 191 11.49 16.45 6.34
C ILE C 191 11.64 16.59 7.83
N TYR C 192 10.74 17.33 8.44
CA TYR C 192 10.76 17.46 9.88
C TYR C 192 9.60 16.68 10.45
N GLN C 193 9.81 16.07 11.61
CA GLN C 193 8.76 15.35 12.28
C GLN C 193 8.40 16.13 13.52
N PRO C 194 7.56 17.15 13.35
CA PRO C 194 7.16 18.06 14.41
C PRO C 194 6.89 17.31 15.71
N MET C 195 6.28 16.14 15.61
CA MET C 195 5.84 15.42 16.80
C MET C 195 7.02 14.85 17.55
N LEU C 196 8.04 14.40 16.82
CA LEU C 196 9.22 13.86 17.44
C LEU C 196 10.40 14.82 17.40
N ASP C 197 10.16 16.05 16.92
CA ASP C 197 11.25 16.97 16.69
C ASP C 197 12.40 16.20 16.05
N ARG C 198 12.10 15.54 14.94
CA ARG C 198 13.13 14.84 14.20
C ARG C 198 13.17 15.40 12.81
N ARG C 199 14.35 15.79 12.36
CA ARG C 199 14.49 16.18 10.97
C ARG C 199 15.28 15.15 10.19
N SER C 200 14.72 14.73 9.06
CA SER C 200 15.43 13.87 8.14
C SER C 200 16.77 14.49 7.80
N GLN C 201 17.63 13.70 7.19
CA GLN C 201 18.89 14.25 6.75
C GLN C 201 18.56 15.14 5.60
N ARG C 202 19.57 15.76 5.01
CA ARG C 202 19.30 16.77 4.02
C ARG C 202 19.05 16.15 2.65
N SER C 203 18.18 16.79 1.89
CA SER C 203 17.96 16.39 0.51
C SER C 203 19.25 16.67 -0.26
N ARG D 13 -11.37 16.37 27.87
CA ARG D 13 -10.46 16.58 26.75
C ARG D 13 -9.14 17.22 27.17
N LEU D 14 -8.17 17.16 26.26
CA LEU D 14 -6.87 17.78 26.46
C LEU D 14 -6.52 18.55 25.21
N ASP D 15 -5.59 19.49 25.34
CA ASP D 15 -5.17 20.26 24.18
C ASP D 15 -4.27 19.41 23.30
N LYS D 16 -4.44 19.53 21.99
CA LYS D 16 -3.54 18.86 21.04
C LYS D 16 -2.10 19.19 21.38
N SER D 17 -1.87 20.42 21.84
CA SER D 17 -0.53 20.90 22.13
C SER D 17 0.14 20.08 23.23
N ASN D 18 -0.68 19.50 24.12
CA ASN D 18 -0.17 18.60 25.15
C ASN D 18 0.63 17.46 24.55
N PHE D 19 0.16 16.96 23.42
CA PHE D 19 0.77 15.80 22.79
C PHE D 19 1.59 16.20 21.59
N GLN D 20 1.99 17.47 21.56
CA GLN D 20 2.78 17.97 20.45
C GLN D 20 4.04 18.63 20.96
N GLN D 21 4.41 18.28 22.19
CA GLN D 21 5.70 18.64 22.75
C GLN D 21 6.64 17.48 22.46
N PRO D 22 7.47 17.62 21.42
CA PRO D 22 8.26 16.48 20.96
C PRO D 22 9.20 15.97 22.03
N TYR D 23 9.74 16.86 22.85
CA TYR D 23 10.70 16.42 23.83
C TYR D 23 10.06 15.33 24.67
N ILE D 24 9.00 15.70 25.37
CA ILE D 24 8.33 14.79 26.30
C ILE D 24 7.72 13.59 25.57
N THR D 25 7.19 13.83 24.37
CA THR D 25 6.66 12.76 23.56
C THR D 25 7.78 11.74 23.33
N ASN D 26 8.94 12.23 22.91
CA ASN D 26 10.07 11.37 22.72
C ASN D 26 10.42 10.62 23.99
N ARG D 27 10.58 11.36 25.08
CA ARG D 27 10.96 10.78 26.37
C ARG D 27 9.96 9.72 26.80
N THR D 28 8.68 9.96 26.53
CA THR D 28 7.65 8.99 26.86
C THR D 28 7.91 7.69 26.10
N PHE D 29 8.18 7.82 24.81
CA PHE D 29 8.45 6.66 23.98
C PHE D 29 9.77 6.02 24.36
N MET D 30 10.75 6.84 24.67
CA MET D 30 12.05 6.33 25.10
C MET D 30 11.88 5.53 26.38
N LEU D 31 11.10 6.10 27.30
CA LEU D 31 10.82 5.49 28.57
C LEU D 31 10.04 4.20 28.40
N ALA D 32 9.00 4.29 27.58
CA ALA D 32 8.18 3.13 27.31
C ALA D 32 9.07 2.06 26.67
N LYS D 33 10.01 2.52 25.85
CA LYS D 33 10.89 1.63 25.11
C LYS D 33 11.84 0.93 26.06
N GLU D 34 12.48 1.69 26.94
CA GLU D 34 13.33 1.10 27.95
C GLU D 34 12.52 0.04 28.67
N ALA D 35 11.43 0.50 29.29
CA ALA D 35 10.52 -0.37 30.02
C ALA D 35 10.16 -1.64 29.25
N SER D 36 9.78 -1.47 28.00
CA SER D 36 9.30 -2.61 27.23
C SER D 36 10.42 -3.59 26.91
N LEU D 37 11.66 -3.09 26.88
CA LEU D 37 12.80 -3.97 26.67
C LEU D 37 12.78 -5.07 27.70
N ALA D 38 12.20 -4.73 28.85
CA ALA D 38 12.18 -5.63 29.98
C ALA D 38 10.85 -6.38 29.97
N ASP D 39 10.04 -6.11 28.96
CA ASP D 39 8.68 -6.62 28.97
C ASP D 39 8.50 -7.72 27.95
N ASN D 40 8.30 -8.93 28.46
CA ASN D 40 8.24 -10.12 27.65
C ASN D 40 6.82 -10.54 27.36
N ASN D 41 5.87 -10.06 28.14
CA ASN D 41 4.47 -10.36 27.88
C ASN D 41 4.06 -9.59 26.64
N THR D 42 4.26 -10.22 25.49
CA THR D 42 3.87 -9.62 24.23
C THR D 42 2.43 -9.97 24.00
N ASP D 43 1.97 -11.02 24.67
CA ASP D 43 0.60 -11.52 24.56
C ASP D 43 -0.37 -10.66 25.33
N VAL D 44 0.16 -9.82 26.22
CA VAL D 44 -0.65 -9.06 27.16
C VAL D 44 -0.36 -7.57 27.06
N ARG D 45 -1.30 -6.85 26.49
CA ARG D 45 -1.15 -5.42 26.29
C ARG D 45 -2.20 -4.72 27.14
N LEU D 46 -1.76 -3.79 27.97
CA LEU D 46 -2.67 -3.11 28.88
C LEU D 46 -3.56 -2.14 28.12
N ILE D 47 -2.93 -1.17 27.47
CA ILE D 47 -3.65 -0.23 26.65
C ILE D 47 -3.77 -0.80 25.25
N GLY D 48 -4.82 -1.60 25.06
CA GLY D 48 -5.05 -2.26 23.79
C GLY D 48 -6.52 -2.14 23.47
N GLU D 49 -6.94 -2.81 22.40
CA GLU D 49 -8.32 -2.72 21.94
C GLU D 49 -9.30 -3.10 23.05
N LYS D 50 -8.99 -4.18 23.76
CA LYS D 50 -9.90 -4.72 24.76
C LYS D 50 -10.07 -3.77 25.95
N LEU D 51 -9.34 -2.67 25.94
CA LEU D 51 -9.47 -1.65 26.96
C LEU D 51 -10.68 -0.76 26.67
N PHE D 52 -10.94 -0.56 25.39
CA PHE D 52 -12.01 0.33 24.98
C PHE D 52 -13.22 -0.48 24.55
N HIS D 53 -13.02 -1.79 24.43
CA HIS D 53 -14.11 -2.71 24.12
C HIS D 53 -15.33 -2.37 24.97
N GLY D 54 -16.35 -1.81 24.32
CA GLY D 54 -17.56 -1.42 25.01
C GLY D 54 -17.62 0.07 25.28
N VAL D 55 -16.52 0.76 24.99
CA VAL D 55 -16.43 2.19 25.27
C VAL D 55 -16.58 3.02 24.00
N SER D 56 -17.56 3.92 24.01
CA SER D 56 -17.77 4.82 22.89
C SER D 56 -16.57 5.74 22.75
N MET D 57 -16.22 6.07 21.51
CA MET D 57 -15.12 6.99 21.26
C MET D 57 -15.28 8.21 22.14
N SER D 58 -16.53 8.57 22.42
CA SER D 58 -16.83 9.70 23.28
C SER D 58 -16.28 9.48 24.69
N GLU D 59 -16.47 8.27 25.21
CA GLU D 59 -16.07 7.94 26.57
C GLU D 59 -14.57 7.60 26.69
N ARG D 60 -13.90 7.42 25.55
CA ARG D 60 -12.52 7.01 25.53
C ARG D 60 -11.63 7.83 26.47
N CYS D 61 -11.78 9.14 26.44
CA CYS D 61 -10.93 10.01 27.23
C CYS D 61 -11.10 9.79 28.72
N TYR D 62 -12.33 9.66 29.17
CA TYR D 62 -12.58 9.37 30.58
C TYR D 62 -11.85 8.10 30.93
N LEU D 63 -11.97 7.12 30.05
CA LEU D 63 -11.28 5.86 30.21
C LEU D 63 -9.80 6.13 30.35
N MET D 64 -9.22 6.79 29.35
CA MET D 64 -7.80 7.08 29.38
C MET D 64 -7.42 7.91 30.60
N LYS D 65 -8.31 8.81 31.01
CA LYS D 65 -8.10 9.53 32.26
C LYS D 65 -7.90 8.51 33.37
N GLN D 66 -8.79 7.53 33.43
CA GLN D 66 -8.77 6.51 34.46
C GLN D 66 -7.47 5.74 34.43
N VAL D 67 -7.16 5.14 33.29
CA VAL D 67 -5.90 4.46 33.10
C VAL D 67 -4.73 5.33 33.52
N LEU D 68 -4.68 6.55 33.00
CA LEU D 68 -3.57 7.44 33.29
C LEU D 68 -3.40 7.62 34.80
N ASN D 69 -4.52 7.70 35.52
CA ASN D 69 -4.46 7.91 36.95
C ASN D 69 -3.93 6.68 37.66
N PHE D 70 -4.52 5.53 37.36
CA PHE D 70 -4.04 4.28 37.92
C PHE D 70 -2.56 4.18 37.64
N THR D 71 -2.21 4.40 36.39
CA THR D 71 -0.83 4.36 35.95
C THR D 71 0.00 5.24 36.86
N LEU D 72 -0.36 6.52 36.92
CA LEU D 72 0.36 7.47 37.74
C LEU D 72 0.44 7.03 39.20
N GLU D 73 -0.70 6.69 39.78
CA GLU D 73 -0.76 6.40 41.20
C GLU D 73 -0.14 5.06 41.51
N GLU D 74 -0.57 4.04 40.78
CA GLU D 74 -0.19 2.68 41.06
C GLU D 74 1.20 2.34 40.54
N VAL D 75 1.62 2.99 39.47
CA VAL D 75 2.88 2.61 38.84
C VAL D 75 3.95 3.70 38.80
N LEU D 76 3.65 4.80 38.13
CA LEU D 76 4.65 5.79 37.81
C LEU D 76 5.16 6.53 39.02
N PHE D 77 4.24 6.95 39.89
CA PHE D 77 4.65 7.64 41.11
C PHE D 77 5.51 6.73 41.99
N PRO D 78 5.06 5.48 42.22
CA PRO D 78 5.84 4.56 43.04
C PRO D 78 7.17 4.24 42.39
N GLN D 79 7.17 4.06 41.08
CA GLN D 79 8.37 3.66 40.36
C GLN D 79 9.12 4.84 39.81
N SER D 80 8.85 6.02 40.36
CA SER D 80 9.40 7.25 39.82
C SER D 80 10.91 7.25 40.01
N ASP D 81 11.38 6.36 40.89
CA ASP D 81 12.80 6.29 41.18
C ASP D 81 13.57 5.61 40.07
N ARG D 82 12.86 5.00 39.13
CA ARG D 82 13.55 4.24 38.12
C ARG D 82 13.32 4.76 36.72
N PHE D 83 14.03 4.14 35.78
CA PHE D 83 13.97 4.55 34.39
C PHE D 83 14.32 6.01 34.22
N GLN D 84 15.32 6.46 34.95
CA GLN D 84 15.81 7.82 34.79
C GLN D 84 16.67 7.89 33.54
N PRO D 85 16.69 9.06 32.88
CA PRO D 85 16.06 10.33 33.27
C PRO D 85 14.61 10.41 32.86
N TYR D 86 14.21 9.57 31.92
CA TYR D 86 12.91 9.70 31.29
C TYR D 86 11.80 9.80 32.33
N MET D 87 11.87 8.94 33.34
CA MET D 87 10.82 8.85 34.32
C MET D 87 10.50 10.24 34.90
N GLN D 88 11.54 10.93 35.36
CA GLN D 88 11.36 12.20 36.06
C GLN D 88 10.84 13.27 35.11
N GLU D 89 10.93 13.01 33.82
CA GLU D 89 10.42 13.93 32.83
C GLU D 89 8.99 13.57 32.44
N VAL D 90 8.72 12.28 32.32
CA VAL D 90 7.47 11.83 31.74
C VAL D 90 6.36 11.76 32.77
N VAL D 91 6.71 11.36 33.99
CA VAL D 91 5.69 11.22 35.01
C VAL D 91 5.06 12.57 35.28
N PRO D 92 5.88 13.63 35.38
CA PRO D 92 5.34 14.97 35.57
C PRO D 92 4.39 15.31 34.45
N PHE D 93 4.87 15.15 33.23
CA PHE D 93 4.03 15.41 32.08
C PHE D 93 2.70 14.71 32.21
N LEU D 94 2.75 13.41 32.49
CA LEU D 94 1.54 12.62 32.62
C LEU D 94 0.74 13.06 33.82
N ALA D 95 1.44 13.50 34.87
CA ALA D 95 0.77 14.01 36.04
C ALA D 95 -0.08 15.20 35.62
N ARG D 96 0.52 16.11 34.86
CA ARG D 96 -0.20 17.27 34.34
C ARG D 96 -1.46 16.86 33.60
N LEU D 97 -1.32 15.93 32.67
CA LEU D 97 -2.46 15.38 31.95
C LEU D 97 -3.52 14.91 32.94
N SER D 98 -3.08 14.32 34.04
CA SER D 98 -3.99 13.81 35.05
C SER D 98 -4.91 14.93 35.52
N ASN D 99 -4.31 16.10 35.75
CA ASN D 99 -5.03 17.29 36.21
C ASN D 99 -5.97 17.83 35.14
N ARG D 100 -5.41 18.20 34.01
CA ARG D 100 -6.20 18.70 32.90
C ARG D 100 -7.39 17.79 32.64
N LEU D 101 -7.23 16.52 32.99
CA LEU D 101 -8.29 15.53 32.76
C LEU D 101 -9.24 15.40 33.94
N SER D 102 -8.86 15.95 35.10
CA SER D 102 -9.79 16.04 36.22
C SER D 102 -10.96 16.91 35.79
N HIS D 112 -19.71 -0.81 33.75
CA HIS D 112 -19.16 0.55 33.68
C HIS D 112 -17.87 0.53 32.87
N ILE D 113 -17.11 1.62 32.98
CA ILE D 113 -15.82 1.72 32.33
C ILE D 113 -14.76 1.02 33.16
N GLN D 114 -14.93 1.08 34.48
CA GLN D 114 -14.00 0.42 35.38
C GLN D 114 -13.86 -1.05 35.05
N ARG D 115 -14.93 -1.67 34.60
CA ARG D 115 -14.86 -3.09 34.24
C ARG D 115 -13.71 -3.31 33.25
N ASN D 116 -13.33 -2.23 32.55
CA ASN D 116 -12.22 -2.26 31.62
C ASN D 116 -10.96 -1.73 32.31
N VAL D 117 -11.06 -0.52 32.84
CA VAL D 117 -9.95 0.03 33.59
C VAL D 117 -9.45 -0.99 34.61
N GLN D 118 -10.39 -1.62 35.31
CA GLN D 118 -10.05 -2.60 36.33
C GLN D 118 -9.33 -3.77 35.71
N LYS D 119 -9.82 -4.22 34.56
CA LYS D 119 -9.19 -5.30 33.83
C LYS D 119 -7.72 -4.93 33.63
N LEU D 120 -7.48 -3.68 33.25
CA LEU D 120 -6.11 -3.21 33.08
C LEU D 120 -5.39 -3.25 34.41
N LYS D 121 -6.05 -2.68 35.43
CA LYS D 121 -5.51 -2.62 36.78
C LYS D 121 -5.19 -3.99 37.30
N ASP D 122 -6.16 -4.89 37.17
CA ASP D 122 -5.99 -6.24 37.67
C ASP D 122 -4.88 -6.94 36.91
N THR D 123 -4.74 -6.61 35.63
CA THR D 123 -3.68 -7.21 34.82
C THR D 123 -2.33 -6.76 35.34
N VAL D 124 -2.16 -5.46 35.52
CA VAL D 124 -0.93 -4.92 36.05
C VAL D 124 -0.56 -5.61 37.36
N LYS D 125 -1.55 -5.86 38.19
CA LYS D 125 -1.28 -6.48 39.48
C LYS D 125 -0.97 -7.97 39.36
N LYS D 126 -1.72 -8.67 38.51
CA LYS D 126 -1.41 -10.06 38.26
C LYS D 126 0.03 -10.18 37.79
N LEU D 127 0.42 -9.34 36.84
CA LEU D 127 1.76 -9.34 36.28
C LEU D 127 2.78 -8.88 37.32
N GLY D 128 2.29 -8.41 38.46
CA GLY D 128 3.16 -7.91 39.50
C GLY D 128 4.24 -6.99 38.98
N GLU D 129 5.49 -7.37 39.24
CA GLU D 129 6.63 -6.50 38.98
C GLU D 129 6.77 -6.21 37.51
N SER D 130 6.39 -7.17 36.68
CA SER D 130 6.43 -7.00 35.24
C SER D 130 5.20 -6.25 34.77
N GLY D 131 4.21 -6.13 35.66
CA GLY D 131 3.05 -5.31 35.39
C GLY D 131 3.44 -3.85 35.45
N GLU D 132 4.31 -3.49 36.39
CA GLU D 132 4.80 -2.12 36.45
C GLU D 132 5.64 -1.88 35.22
N ILE D 133 6.50 -2.84 34.90
CA ILE D 133 7.31 -2.78 33.69
C ILE D 133 6.43 -2.48 32.48
N LYS D 134 5.45 -3.34 32.28
CA LYS D 134 4.56 -3.23 31.13
C LYS D 134 3.83 -1.92 31.13
N ALA D 135 3.28 -1.55 32.28
CA ALA D 135 2.59 -0.28 32.42
C ALA D 135 3.50 0.84 31.92
N ILE D 136 4.77 0.79 32.31
CA ILE D 136 5.70 1.82 31.91
C ILE D 136 6.03 1.66 30.44
N GLY D 137 6.05 0.41 29.99
CA GLY D 137 6.37 0.11 28.61
C GLY D 137 5.27 0.58 27.69
N GLU D 138 4.18 1.02 28.30
CA GLU D 138 3.00 1.38 27.53
C GLU D 138 2.69 2.83 27.75
N LEU D 139 3.64 3.58 28.26
CA LEU D 139 3.38 5.00 28.50
C LEU D 139 3.21 5.64 27.15
N ASP D 140 3.99 5.17 26.18
CA ASP D 140 3.83 5.61 24.81
C ASP D 140 2.41 5.35 24.34
N LEU D 141 1.88 4.18 24.68
CA LEU D 141 0.52 3.81 24.33
C LEU D 141 -0.46 4.65 25.09
N LEU D 142 -0.23 4.80 26.39
CA LEU D 142 -1.09 5.63 27.23
C LEU D 142 -1.10 7.01 26.62
N PHE D 143 0.08 7.46 26.22
CA PHE D 143 0.25 8.71 25.52
C PHE D 143 -0.57 8.73 24.25
N MET D 144 -0.12 7.96 23.27
CA MET D 144 -0.80 7.88 22.00
C MET D 144 -2.30 7.79 22.21
N SER D 145 -2.71 6.98 23.19
CA SER D 145 -4.12 6.72 23.42
C SER D 145 -4.77 7.96 24.02
N LEU D 146 -4.19 8.42 25.12
CA LEU D 146 -4.59 9.67 25.74
C LEU D 146 -4.85 10.70 24.65
N ARG D 147 -3.86 10.89 23.78
CA ARG D 147 -3.99 11.81 22.67
C ARG D 147 -5.25 11.52 21.86
N ASN D 148 -5.28 10.38 21.18
CA ASN D 148 -6.42 10.01 20.34
C ASN D 148 -7.74 10.04 21.08
N ALA D 149 -7.69 9.89 22.39
CA ALA D 149 -8.90 9.83 23.20
C ALA D 149 -9.38 11.21 23.64
N CYS D 150 -8.49 12.20 23.57
CA CYS D 150 -8.80 13.54 24.04
C CYS D 150 -8.45 14.57 22.97
N ILE D 151 -8.77 14.24 21.73
CA ILE D 151 -8.61 15.15 20.61
C ILE D 151 -9.82 15.03 19.67
#